data_5IAW
#
_entry.id   5IAW
#
_cell.length_a   54.748
_cell.length_b   34.951
_cell.length_c   144.107
_cell.angle_alpha   90.000
_cell.angle_beta   90.740
_cell.angle_gamma   90.000
#
_symmetry.space_group_name_H-M   'P 1 2 1'
#
loop_
_entity.id
_entity.type
_entity.pdbx_description
1 polymer 'Bile acid receptor'
2 polymer 'Peptide from Nuclear receptor coactivator 2'
3 non-polymer '(1S,2R,4S)-1,7,7-trimethylbicyclo[2.2.1]heptan-2-yl 4-hydroxybenzoate'
4 water water
#
loop_
_entity_poly.entity_id
_entity_poly.type
_entity_poly.pdbx_seq_one_letter_code
_entity_poly.pdbx_strand_id
1 'polypeptide(L)'
;LTPDQQTLLHFIMDSYNKQRMPQEITNKILKEEFSAEENFLILTEMATNHVQVLVEFTKKLPGFQTLDHEDQIALLKGSA
VEAMFLRSAEIFNKKLPSGHSDLLEERIRNSGISDEYITPMFSFYKSIGELKMTQEEYALLTAIVILSPDRQYIKDREAV
EKLQEPLLDVLQKLCKIHQPENPQHFACLLGRLTELRTFNHHHAEMLMSWRVNDHKFTPLLCEIWDVQ
;
A,B
2 'polypeptide(L)' NALLRYLLDK C,D
#
loop_
_chem_comp.id
_chem_comp.type
_chem_comp.name
_chem_comp.formula
T73 non-polymer '(1S,2R,4S)-1,7,7-trimethylbicyclo[2.2.1]heptan-2-yl 4-hydroxybenzoate' 'C17 H22 O3'
#
# COMPACT_ATOMS: atom_id res chain seq x y z
N LEU A 1 -23.12 22.53 -6.15
CA LEU A 1 -23.41 23.99 -6.05
C LEU A 1 -24.73 24.19 -6.82
N THR A 2 -24.79 23.90 -8.12
CA THR A 2 -25.97 24.28 -8.97
C THR A 2 -27.22 23.41 -8.80
N PRO A 3 -28.42 24.03 -8.84
CA PRO A 3 -29.60 23.19 -8.69
C PRO A 3 -29.65 21.99 -9.66
N ASP A 4 -29.43 22.22 -10.95
CA ASP A 4 -29.21 21.13 -11.89
C ASP A 4 -28.19 20.11 -11.35
N GLN A 5 -27.14 20.60 -10.69
CA GLN A 5 -26.13 19.70 -10.09
C GLN A 5 -26.63 18.96 -8.86
N GLN A 6 -27.36 19.62 -7.95
CA GLN A 6 -27.81 18.95 -6.75
C GLN A 6 -28.77 17.83 -7.08
N THR A 7 -29.58 18.03 -8.12
CA THR A 7 -30.52 17.02 -8.65
C THR A 7 -29.78 15.80 -9.25
N LEU A 8 -28.84 16.10 -10.15
CA LEU A 8 -27.93 15.09 -10.69
C LEU A 8 -27.23 14.33 -9.56
N LEU A 9 -26.68 15.03 -8.59
CA LEU A 9 -25.94 14.35 -7.56
C LEU A 9 -26.83 13.39 -6.86
N HIS A 10 -28.04 13.85 -6.61
CA HIS A 10 -28.92 13.11 -5.75
C HIS A 10 -29.48 11.91 -6.49
N PHE A 11 -29.81 12.10 -7.76
CA PHE A 11 -30.30 10.98 -8.58
C PHE A 11 -29.29 9.83 -8.67
N ILE A 12 -28.02 10.22 -8.77
CA ILE A 12 -26.87 9.32 -8.85
C ILE A 12 -26.63 8.59 -7.53
N MET A 13 -26.85 9.28 -6.43
CA MET A 13 -26.62 8.70 -5.14
C MET A 13 -27.76 7.77 -4.82
N ASP A 14 -28.97 8.13 -5.19
CA ASP A 14 -30.09 7.28 -4.83
C ASP A 14 -29.88 5.92 -5.51
N SER A 15 -29.60 5.99 -6.81
CA SER A 15 -29.41 4.82 -7.62
C SER A 15 -28.23 3.94 -7.16
N TYR A 16 -27.12 4.56 -6.80
CA TYR A 16 -25.98 3.82 -6.32
C TYR A 16 -26.24 3.10 -5.00
N ASN A 17 -26.98 3.76 -4.13
CA ASN A 17 -27.28 3.20 -2.83
C ASN A 17 -28.34 2.12 -2.88
N LYS A 18 -29.25 2.22 -3.83
CA LYS A 18 -30.22 1.15 -4.03
C LYS A 18 -29.57 -0.17 -4.30
N GLN A 19 -28.36 -0.21 -4.82
CA GLN A 19 -27.76 -1.46 -5.22
C GLN A 19 -27.38 -2.20 -3.99
N ARG A 20 -27.94 -3.38 -3.79
CA ARG A 20 -27.70 -4.13 -2.59
C ARG A 20 -26.52 -5.08 -2.78
N MET A 21 -25.60 -5.04 -1.83
CA MET A 21 -24.54 -6.02 -1.68
C MET A 21 -24.83 -6.88 -0.46
N PRO A 22 -25.70 -7.90 -0.60
CA PRO A 22 -25.84 -8.88 0.50
C PRO A 22 -24.48 -9.37 0.95
N GLN A 23 -24.27 -9.43 2.26
CA GLN A 23 -22.94 -9.74 2.80
C GLN A 23 -22.84 -11.15 3.39
N GLU A 24 -23.93 -11.93 3.31
CA GLU A 24 -23.92 -13.32 3.72
C GLU A 24 -22.80 -14.05 3.01
N ILE A 25 -22.79 -13.96 1.67
CA ILE A 25 -21.78 -14.55 0.81
C ILE A 25 -20.39 -14.25 1.32
N THR A 26 -20.14 -13.01 1.70
CA THR A 26 -18.84 -12.61 2.18
C THR A 26 -18.56 -13.19 3.54
N ASN A 27 -19.54 -13.15 4.43
CA ASN A 27 -19.35 -13.78 5.73
C ASN A 27 -19.18 -15.32 5.58
N LYS A 28 -19.53 -15.86 4.42
CA LYS A 28 -19.35 -17.26 4.16
C LYS A 28 -17.87 -17.52 4.15
N ILE A 29 -17.17 -16.97 3.17
CA ILE A 29 -15.75 -17.23 2.98
C ILE A 29 -14.87 -16.79 4.13
N LEU A 30 -15.28 -15.72 4.82
CA LEU A 30 -14.60 -15.28 6.03
C LEU A 30 -14.46 -16.43 7.02
N LYS A 31 -15.58 -16.96 7.47
CA LYS A 31 -15.57 -17.96 8.53
C LYS A 31 -15.21 -19.41 8.11
N GLU A 32 -14.75 -19.63 6.89
CA GLU A 32 -14.54 -21.01 6.42
C GLU A 32 -13.57 -21.16 5.27
N GLU A 33 -12.54 -21.95 5.51
CA GLU A 33 -11.54 -22.24 4.53
C GLU A 33 -12.13 -23.29 3.65
N PHE A 34 -12.80 -22.90 2.56
CA PHE A 34 -13.41 -23.84 1.61
C PHE A 34 -12.31 -24.43 0.70
N SER A 35 -12.74 -25.29 -0.22
CA SER A 35 -11.88 -25.85 -1.26
C SER A 35 -11.82 -24.94 -2.47
N ALA A 36 -10.62 -24.72 -3.01
CA ALA A 36 -10.41 -23.96 -4.25
C ALA A 36 -11.65 -23.87 -5.19
N GLU A 37 -12.21 -25.01 -5.61
CA GLU A 37 -13.37 -24.96 -6.45
C GLU A 37 -14.54 -24.25 -5.73
N GLU A 38 -14.81 -24.61 -4.47
CA GLU A 38 -15.94 -23.98 -3.77
C GLU A 38 -15.75 -22.48 -3.54
N ASN A 39 -14.53 -22.05 -3.21
CA ASN A 39 -14.16 -20.60 -3.23
C ASN A 39 -14.49 -19.97 -4.59
N PHE A 40 -14.16 -20.67 -5.66
CA PHE A 40 -14.31 -20.12 -6.97
C PHE A 40 -15.80 -19.94 -7.22
N LEU A 41 -16.60 -20.87 -6.72
CA LEU A 41 -18.02 -20.81 -6.93
C LEU A 41 -18.59 -19.59 -6.23
N ILE A 42 -18.09 -19.33 -5.06
CA ILE A 42 -18.42 -18.13 -4.31
C ILE A 42 -18.00 -16.86 -5.10
N LEU A 43 -16.82 -16.85 -5.66
CA LEU A 43 -16.40 -15.75 -6.51
C LEU A 43 -17.31 -15.54 -7.70
N THR A 44 -17.83 -16.64 -8.23
CA THR A 44 -18.66 -16.56 -9.41
C THR A 44 -19.93 -15.87 -9.04
N GLU A 45 -20.45 -16.17 -7.85
CA GLU A 45 -21.64 -15.46 -7.35
C GLU A 45 -21.32 -13.97 -7.14
N MET A 46 -20.11 -13.67 -6.68
CA MET A 46 -19.84 -12.27 -6.35
C MET A 46 -19.69 -11.50 -7.65
N ALA A 47 -19.04 -12.13 -8.60
CA ALA A 47 -18.86 -11.52 -9.91
C ALA A 47 -20.21 -11.28 -10.57
N THR A 48 -21.11 -12.26 -10.48
CA THR A 48 -22.46 -12.15 -11.08
C THR A 48 -23.18 -10.98 -10.43
N ASN A 49 -23.07 -10.91 -9.12
CA ASN A 49 -23.57 -9.77 -8.37
C ASN A 49 -23.09 -8.47 -8.94
N HIS A 50 -21.79 -8.41 -9.26
CA HIS A 50 -21.23 -7.15 -9.67
C HIS A 50 -21.87 -6.77 -11.00
N VAL A 51 -21.93 -7.70 -11.94
CA VAL A 51 -22.49 -7.36 -13.24
C VAL A 51 -23.95 -6.85 -13.10
N GLN A 52 -24.73 -7.58 -12.34
CA GLN A 52 -26.10 -7.22 -12.11
C GLN A 52 -26.26 -5.82 -11.58
N VAL A 53 -25.55 -5.43 -10.53
CA VAL A 53 -25.80 -4.09 -10.00
C VAL A 53 -25.17 -3.10 -10.92
N LEU A 54 -24.21 -3.54 -11.69
CA LEU A 54 -23.64 -2.67 -12.67
C LEU A 54 -24.70 -2.21 -13.63
N VAL A 55 -25.46 -3.15 -14.11
CA VAL A 55 -26.41 -2.88 -15.17
C VAL A 55 -27.55 -2.16 -14.55
N GLU A 56 -27.93 -2.49 -13.33
CA GLU A 56 -29.01 -1.74 -12.67
C GLU A 56 -28.64 -0.27 -12.40
N PHE A 57 -27.38 0.00 -12.08
CA PHE A 57 -26.97 1.39 -11.91
C PHE A 57 -26.91 2.14 -13.27
N THR A 58 -26.38 1.48 -14.27
CA THR A 58 -26.16 2.09 -15.57
C THR A 58 -27.48 2.48 -16.27
N LYS A 59 -28.42 1.55 -16.33
CA LYS A 59 -29.81 1.83 -16.72
C LYS A 59 -30.33 3.19 -16.32
N LYS A 60 -30.05 3.59 -15.07
CA LYS A 60 -30.68 4.74 -14.48
C LYS A 60 -29.93 5.98 -14.81
N LEU A 61 -28.68 5.89 -15.25
CA LEU A 61 -27.87 7.10 -15.35
C LEU A 61 -28.60 8.05 -16.29
N PRO A 62 -28.76 9.30 -15.84
CA PRO A 62 -29.50 10.32 -16.60
C PRO A 62 -28.95 10.38 -18.00
N GLY A 63 -29.81 10.21 -18.98
CA GLY A 63 -29.41 10.25 -20.34
C GLY A 63 -28.95 8.96 -20.95
N PHE A 64 -28.64 7.95 -20.15
CA PHE A 64 -28.13 6.69 -20.71
C PHE A 64 -29.13 6.14 -21.70
N GLN A 65 -30.41 6.26 -21.37
CA GLN A 65 -31.52 5.86 -22.27
C GLN A 65 -31.52 6.46 -23.68
N THR A 66 -30.93 7.65 -23.83
CA THR A 66 -30.99 8.40 -25.05
C THR A 66 -29.82 8.08 -25.96
N LEU A 67 -28.98 7.10 -25.58
CA LEU A 67 -27.83 6.78 -26.41
C LEU A 67 -28.19 5.64 -27.33
N ASP A 68 -27.56 5.61 -28.47
CA ASP A 68 -27.74 4.55 -29.38
C ASP A 68 -27.52 3.23 -28.63
N HIS A 69 -28.34 2.25 -28.95
CA HIS A 69 -28.36 1.00 -28.24
C HIS A 69 -27.03 0.17 -28.33
N GLU A 70 -26.24 0.34 -29.37
CA GLU A 70 -25.02 -0.45 -29.42
C GLU A 70 -23.86 0.22 -28.67
N ASP A 71 -23.94 1.54 -28.54
CA ASP A 71 -23.11 2.25 -27.57
C ASP A 71 -23.43 1.92 -26.11
N GLN A 72 -24.69 1.64 -25.81
CA GLN A 72 -25.09 1.28 -24.47
C GLN A 72 -24.35 0.06 -24.04
N ILE A 73 -24.51 -1.03 -24.79
CA ILE A 73 -23.74 -2.26 -24.64
C ILE A 73 -22.22 -2.00 -24.55
N ALA A 74 -21.70 -1.20 -25.48
CA ALA A 74 -20.27 -1.04 -25.56
C ALA A 74 -19.65 -0.36 -24.32
N LEU A 75 -20.37 0.56 -23.72
CA LEU A 75 -20.02 1.14 -22.45
C LEU A 75 -20.06 0.14 -21.30
N LEU A 76 -21.11 -0.64 -21.28
CA LEU A 76 -21.18 -1.67 -20.27
C LEU A 76 -20.03 -2.65 -20.28
N LYS A 77 -19.68 -3.15 -21.45
CA LYS A 77 -18.65 -4.17 -21.51
C LYS A 77 -17.31 -3.53 -21.25
N GLY A 78 -17.15 -2.32 -21.73
CA GLY A 78 -15.89 -1.61 -21.53
C GLY A 78 -15.57 -1.19 -20.09
N SER A 79 -16.61 -0.80 -19.32
CA SER A 79 -16.47 -0.37 -17.92
C SER A 79 -16.56 -1.44 -16.86
N ALA A 80 -16.96 -2.66 -17.20
CA ALA A 80 -17.36 -3.65 -16.15
C ALA A 80 -16.19 -3.92 -15.19
N VAL A 81 -15.04 -4.33 -15.71
CA VAL A 81 -13.89 -4.54 -14.84
C VAL A 81 -13.61 -3.29 -13.96
N GLU A 82 -13.41 -2.12 -14.57
CA GLU A 82 -13.08 -0.90 -13.79
C GLU A 82 -14.12 -0.69 -12.68
N ALA A 83 -15.41 -0.74 -13.04
CA ALA A 83 -16.49 -0.48 -12.08
C ALA A 83 -16.51 -1.57 -11.01
N MET A 84 -16.27 -2.81 -11.42
CA MET A 84 -16.29 -3.96 -10.50
C MET A 84 -15.19 -3.85 -9.45
N PHE A 85 -14.01 -3.38 -9.86
CA PHE A 85 -12.95 -3.15 -8.90
C PHE A 85 -13.20 -1.95 -7.99
N LEU A 86 -13.95 -0.98 -8.46
CA LEU A 86 -14.23 0.15 -7.61
C LEU A 86 -15.15 -0.24 -6.51
N ARG A 87 -16.19 -0.97 -6.87
CA ARG A 87 -17.20 -1.48 -5.92
C ARG A 87 -16.55 -2.49 -4.94
N SER A 88 -15.67 -3.33 -5.45
CA SER A 88 -14.90 -4.16 -4.57
C SER A 88 -14.11 -3.32 -3.53
N ALA A 89 -13.40 -2.29 -3.98
CA ALA A 89 -12.75 -1.35 -3.06
C ALA A 89 -13.72 -0.79 -2.03
N GLU A 90 -14.93 -0.40 -2.42
CA GLU A 90 -15.86 0.15 -1.43
C GLU A 90 -16.20 -0.93 -0.40
N ILE A 91 -16.35 -2.16 -0.84
CA ILE A 91 -16.78 -3.20 0.06
C ILE A 91 -15.62 -3.49 1.00
N PHE A 92 -14.41 -3.59 0.46
CA PHE A 92 -13.28 -3.84 1.32
C PHE A 92 -13.26 -2.78 2.41
N ASN A 93 -13.58 -1.53 2.08
CA ASN A 93 -13.29 -0.41 2.99
C ASN A 93 -14.46 -0.07 3.93
N LYS A 94 -15.64 -0.68 3.73
CA LYS A 94 -16.85 -0.26 4.41
C LYS A 94 -17.70 -1.39 4.93
N LYS A 95 -17.71 -2.50 4.21
CA LYS A 95 -18.62 -3.58 4.56
C LYS A 95 -17.94 -4.78 5.17
N LEU A 96 -16.65 -4.71 5.48
CA LEU A 96 -15.98 -5.81 6.14
C LEU A 96 -15.54 -5.45 7.54
N PRO A 97 -15.69 -6.38 8.49
CA PRO A 97 -15.13 -6.11 9.79
C PRO A 97 -13.64 -5.91 9.67
N SER A 98 -13.13 -4.98 10.49
CA SER A 98 -11.70 -4.68 10.66
C SER A 98 -10.88 -5.92 10.99
N GLY A 99 -9.58 -5.81 10.71
CA GLY A 99 -8.61 -6.87 10.96
C GLY A 99 -8.74 -8.20 10.22
N HIS A 100 -9.39 -8.24 9.06
CA HIS A 100 -9.50 -9.47 8.29
C HIS A 100 -8.88 -9.37 6.91
N SER A 101 -8.13 -8.31 6.63
CA SER A 101 -7.52 -8.11 5.32
C SER A 101 -6.64 -9.29 4.94
N ASP A 102 -5.84 -9.77 5.88
CA ASP A 102 -4.89 -10.83 5.55
C ASP A 102 -5.60 -12.12 5.29
N LEU A 103 -6.56 -12.43 6.16
CA LEU A 103 -7.33 -13.64 6.02
C LEU A 103 -7.98 -13.67 4.64
N LEU A 104 -8.66 -12.59 4.27
CA LEU A 104 -9.22 -12.47 2.92
C LEU A 104 -8.21 -12.60 1.80
N GLU A 105 -7.01 -12.04 1.94
CA GLU A 105 -5.93 -12.31 0.99
C GLU A 105 -5.57 -13.78 0.87
N GLU A 106 -5.60 -14.51 1.99
CA GLU A 106 -5.40 -15.97 1.97
C GLU A 106 -6.46 -16.54 1.09
N ARG A 107 -7.71 -16.22 1.41
CA ARG A 107 -8.82 -16.81 0.64
C ARG A 107 -8.69 -16.58 -0.87
N ILE A 108 -8.04 -15.49 -1.29
CA ILE A 108 -7.98 -15.15 -2.71
C ILE A 108 -6.79 -15.78 -3.44
N ARG A 109 -5.68 -16.02 -2.74
CA ARG A 109 -4.54 -16.77 -3.32
C ARG A 109 -5.08 -18.12 -3.69
N ASN A 110 -5.88 -18.63 -2.76
CA ASN A 110 -6.50 -19.94 -2.85
C ASN A 110 -7.57 -20.16 -3.90
N SER A 111 -7.95 -19.12 -4.62
CA SER A 111 -9.04 -19.26 -5.58
C SER A 111 -8.52 -19.41 -7.00
N GLY A 112 -7.23 -19.69 -7.15
CA GLY A 112 -6.68 -19.99 -8.47
C GLY A 112 -6.30 -18.74 -9.21
N ILE A 113 -6.15 -17.65 -8.46
CA ILE A 113 -5.55 -16.42 -8.95
C ILE A 113 -4.08 -16.35 -8.55
N SER A 114 -3.26 -15.89 -9.49
CA SER A 114 -1.82 -15.75 -9.28
C SER A 114 -1.49 -14.50 -8.39
N ASP A 115 -0.44 -14.62 -7.56
CA ASP A 115 0.03 -13.52 -6.68
C ASP A 115 0.30 -12.30 -7.49
N GLU A 116 0.79 -12.53 -8.68
CA GLU A 116 1.12 -11.43 -9.55
C GLU A 116 -0.01 -10.38 -9.61
N TYR A 117 -1.26 -10.84 -9.48
CA TYR A 117 -2.50 -10.01 -9.57
C TYR A 117 -3.18 -9.67 -8.25
N ILE A 118 -2.90 -10.46 -7.23
CA ILE A 118 -3.51 -10.26 -5.93
C ILE A 118 -2.87 -9.05 -5.28
N THR A 119 -1.54 -9.00 -5.38
CA THR A 119 -0.76 -7.90 -4.77
C THR A 119 -1.27 -6.50 -5.24
N PRO A 120 -1.42 -6.32 -6.55
CA PRO A 120 -1.99 -5.05 -7.05
C PRO A 120 -3.44 -4.74 -6.61
N MET A 121 -4.27 -5.78 -6.48
CA MET A 121 -5.69 -5.67 -6.08
C MET A 121 -5.85 -5.05 -4.69
N PHE A 122 -5.21 -5.68 -3.72
CA PHE A 122 -5.27 -5.21 -2.34
C PHE A 122 -4.56 -3.91 -2.10
N SER A 123 -3.47 -3.63 -2.84
CA SER A 123 -2.82 -2.31 -2.73
C SER A 123 -3.79 -1.22 -3.15
N PHE A 124 -4.48 -1.46 -4.26
CA PHE A 124 -5.52 -0.54 -4.71
C PHE A 124 -6.62 -0.37 -3.65
N TYR A 125 -7.11 -1.47 -3.12
CA TYR A 125 -8.08 -1.40 -2.03
C TYR A 125 -7.62 -0.51 -0.86
N LYS A 126 -6.34 -0.59 -0.51
CA LYS A 126 -5.80 0.18 0.60
C LYS A 126 -5.57 1.65 0.25
N SER A 127 -5.16 1.90 -1.00
CA SER A 127 -4.91 3.25 -1.42
C SER A 127 -6.20 4.04 -1.36
N ILE A 128 -7.30 3.36 -1.71
CA ILE A 128 -8.62 3.94 -1.67
C ILE A 128 -9.02 4.22 -0.24
N GLY A 129 -8.77 3.25 0.65
CA GLY A 129 -9.04 3.44 2.09
C GLY A 129 -8.29 4.62 2.68
N GLU A 130 -7.03 4.81 2.24
CA GLU A 130 -6.20 5.95 2.68
C GLU A 130 -6.76 7.33 2.28
N LEU A 131 -7.54 7.38 1.18
CA LEU A 131 -8.22 8.59 0.76
C LEU A 131 -9.54 8.82 1.50
N LYS A 132 -9.88 7.89 2.39
CA LYS A 132 -11.14 7.88 3.10
C LYS A 132 -12.22 8.26 2.10
N MET A 133 -12.27 7.52 1.00
CA MET A 133 -13.31 7.82 -0.01
C MET A 133 -14.75 7.84 0.53
N THR A 134 -15.46 8.88 0.15
CA THR A 134 -16.84 9.13 0.53
C THR A 134 -17.84 8.38 -0.38
N GLN A 135 -19.09 8.26 0.06
CA GLN A 135 -20.08 7.58 -0.74
C GLN A 135 -20.40 8.32 -2.05
N GLU A 136 -20.28 9.64 -1.99
CA GLU A 136 -20.47 10.43 -3.18
C GLU A 136 -19.39 10.07 -4.22
N GLU A 137 -18.15 9.92 -3.78
CA GLU A 137 -17.04 9.74 -4.68
C GLU A 137 -17.12 8.38 -5.33
N TYR A 138 -17.52 7.38 -4.56
CA TYR A 138 -17.64 6.04 -5.12
C TYR A 138 -18.65 6.11 -6.24
N ALA A 139 -19.78 6.80 -6.01
CA ALA A 139 -20.91 6.74 -6.97
C ALA A 139 -20.60 7.58 -8.20
N LEU A 140 -19.99 8.76 -7.96
CA LEU A 140 -19.54 9.62 -9.06
C LEU A 140 -18.48 8.90 -9.85
N LEU A 141 -17.44 8.43 -9.18
CA LEU A 141 -16.35 7.80 -9.94
C LEU A 141 -16.87 6.60 -10.75
N THR A 142 -17.79 5.83 -10.16
CA THR A 142 -18.41 4.71 -10.90
C THR A 142 -19.11 5.20 -12.15
N ALA A 143 -19.88 6.26 -12.03
CA ALA A 143 -20.61 6.79 -13.18
C ALA A 143 -19.68 7.36 -14.26
N ILE A 144 -18.71 8.10 -13.79
CA ILE A 144 -17.62 8.62 -14.64
C ILE A 144 -16.91 7.50 -15.40
N VAL A 145 -16.65 6.39 -14.73
CA VAL A 145 -16.02 5.27 -15.38
C VAL A 145 -16.93 4.65 -16.46
N ILE A 146 -18.19 4.48 -16.14
CA ILE A 146 -19.10 3.83 -17.06
C ILE A 146 -19.27 4.69 -18.31
N LEU A 147 -19.34 5.99 -18.10
CA LEU A 147 -19.58 6.95 -19.15
C LEU A 147 -18.24 7.47 -19.62
N SER A 148 -17.28 6.57 -19.78
CA SER A 148 -16.02 6.97 -20.34
C SER A 148 -16.26 7.05 -21.84
N PRO A 149 -16.02 8.21 -22.48
CA PRO A 149 -16.25 8.29 -23.93
C PRO A 149 -15.09 7.76 -24.72
N ASP A 150 -14.02 7.31 -24.07
CA ASP A 150 -12.83 6.75 -24.70
C ASP A 150 -12.89 5.24 -24.92
N ARG A 151 -14.02 4.60 -24.67
CA ARG A 151 -14.05 3.16 -24.82
C ARG A 151 -14.01 2.73 -26.26
N GLN A 152 -13.61 1.49 -26.49
CA GLN A 152 -13.73 0.93 -27.85
C GLN A 152 -15.18 0.67 -28.22
N TYR A 153 -15.44 0.75 -29.53
CA TYR A 153 -16.71 0.36 -30.16
C TYR A 153 -17.80 1.39 -29.95
N ILE A 154 -17.42 2.56 -29.42
CA ILE A 154 -18.34 3.67 -29.28
C ILE A 154 -18.48 4.38 -30.61
N LYS A 155 -19.66 4.30 -31.18
CA LYS A 155 -19.95 5.06 -32.38
C LYS A 155 -19.88 6.58 -32.16
N ASP A 156 -20.46 7.08 -31.08
CA ASP A 156 -20.65 8.54 -30.89
C ASP A 156 -20.08 9.02 -29.54
N ARG A 157 -18.77 9.27 -29.54
CA ARG A 157 -18.07 9.77 -28.38
C ARG A 157 -18.74 11.00 -27.81
N GLU A 158 -19.00 12.01 -28.62
CA GLU A 158 -19.50 13.31 -28.10
C GLU A 158 -20.73 13.20 -27.21
N ALA A 159 -21.69 12.36 -27.59
CA ALA A 159 -22.89 12.11 -26.78
C ALA A 159 -22.58 11.60 -25.37
N VAL A 160 -21.45 10.88 -25.27
CA VAL A 160 -21.03 10.27 -24.03
C VAL A 160 -20.31 11.32 -23.25
N GLU A 161 -19.38 12.02 -23.91
CA GLU A 161 -18.78 13.26 -23.36
C GLU A 161 -19.80 14.19 -22.73
N LYS A 162 -20.88 14.48 -23.44
CA LYS A 162 -21.92 15.34 -22.90
C LYS A 162 -22.37 14.84 -21.58
N LEU A 163 -22.58 13.54 -21.45
CA LEU A 163 -23.11 13.02 -20.18
C LEU A 163 -22.08 12.85 -19.06
N GLN A 164 -20.81 12.71 -19.41
CA GLN A 164 -19.75 12.53 -18.41
C GLN A 164 -19.25 13.84 -17.83
N GLU A 165 -19.19 14.89 -18.64
CA GLU A 165 -18.60 16.17 -18.20
C GLU A 165 -19.30 16.76 -16.97
N PRO A 166 -20.62 16.84 -16.96
CA PRO A 166 -21.28 17.42 -15.76
C PRO A 166 -20.96 16.64 -14.49
N LEU A 167 -20.73 15.33 -14.64
CA LEU A 167 -20.28 14.45 -13.53
C LEU A 167 -18.90 14.84 -13.00
N LEU A 168 -17.99 15.01 -13.93
CA LEU A 168 -16.69 15.53 -13.65
C LEU A 168 -16.78 16.90 -12.95
N ASP A 169 -17.59 17.83 -13.48
CA ASP A 169 -17.72 19.19 -12.88
C ASP A 169 -18.18 19.12 -11.42
N VAL A 170 -19.18 18.27 -11.18
CA VAL A 170 -19.71 18.11 -9.84
C VAL A 170 -18.67 17.52 -8.91
N LEU A 171 -18.06 16.43 -9.32
CA LEU A 171 -17.10 15.79 -8.47
C LEU A 171 -16.05 16.77 -8.00
N GLN A 172 -15.61 17.65 -8.89
CA GLN A 172 -14.55 18.56 -8.49
C GLN A 172 -15.03 19.73 -7.67
N LYS A 173 -16.29 20.09 -7.72
CA LYS A 173 -16.81 21.07 -6.77
C LYS A 173 -16.82 20.46 -5.37
N LEU A 174 -17.23 19.21 -5.25
CA LEU A 174 -17.34 18.54 -3.96
C LEU A 174 -15.99 18.32 -3.35
N CYS A 175 -14.99 18.08 -4.19
CA CYS A 175 -13.63 17.97 -3.69
C CYS A 175 -13.23 19.28 -3.02
N LYS A 176 -13.59 20.39 -3.66
CA LYS A 176 -13.31 21.71 -3.14
C LYS A 176 -14.24 22.13 -1.98
N ILE A 177 -15.50 21.65 -1.99
CA ILE A 177 -16.44 21.88 -0.90
C ILE A 177 -15.88 21.25 0.38
N HIS A 178 -15.64 19.94 0.38
CA HIS A 178 -15.32 19.21 1.59
C HIS A 178 -13.85 19.15 1.93
N GLN A 179 -13.01 19.65 1.04
CA GLN A 179 -11.58 19.71 1.31
C GLN A 179 -11.00 20.95 0.62
N PRO A 180 -11.45 22.14 1.04
CA PRO A 180 -11.00 23.39 0.43
C PRO A 180 -9.50 23.63 0.67
N GLU A 181 -8.98 23.14 1.79
CA GLU A 181 -7.54 23.13 2.08
C GLU A 181 -6.65 22.15 1.25
N ASN A 182 -7.26 21.09 0.70
CA ASN A 182 -6.53 20.14 -0.16
C ASN A 182 -6.93 20.30 -1.64
N PRO A 183 -6.38 21.34 -2.30
CA PRO A 183 -6.88 21.56 -3.65
C PRO A 183 -6.62 20.35 -4.56
N GLN A 184 -5.63 19.53 -4.20
CA GLN A 184 -5.21 18.40 -5.02
C GLN A 184 -6.04 17.10 -4.95
N HIS A 185 -7.15 17.10 -4.20
CA HIS A 185 -7.86 15.86 -3.91
C HIS A 185 -8.38 15.25 -5.20
N PHE A 186 -9.04 16.09 -5.97
CA PHE A 186 -9.58 15.75 -7.24
C PHE A 186 -8.55 15.02 -8.11
N ALA A 187 -7.32 15.53 -8.12
CA ALA A 187 -6.24 14.91 -8.91
C ALA A 187 -5.85 13.55 -8.39
N CYS A 188 -5.93 13.35 -7.07
CA CYS A 188 -5.64 12.04 -6.50
C CYS A 188 -6.71 11.01 -6.94
N LEU A 189 -7.96 11.42 -6.83
CA LEU A 189 -9.10 10.68 -7.41
C LEU A 189 -8.75 10.26 -8.83
N LEU A 190 -8.43 11.18 -9.71
CA LEU A 190 -8.15 10.77 -11.10
C LEU A 190 -7.00 9.81 -11.17
N GLY A 191 -6.04 9.90 -10.25
CA GLY A 191 -4.90 8.97 -10.25
C GLY A 191 -5.31 7.57 -9.88
N ARG A 192 -6.43 7.47 -9.16
CA ARG A 192 -6.99 6.19 -8.81
C ARG A 192 -7.69 5.58 -10.01
N LEU A 193 -8.31 6.43 -10.83
CA LEU A 193 -8.80 5.97 -12.14
C LEU A 193 -7.71 5.37 -13.06
N THR A 194 -6.59 6.05 -13.21
CA THR A 194 -5.48 5.51 -14.00
C THR A 194 -5.06 4.16 -13.47
N GLU A 195 -5.02 4.00 -12.15
CA GLU A 195 -4.65 2.72 -11.56
C GLU A 195 -5.73 1.66 -11.79
N LEU A 196 -7.00 2.07 -11.74
CA LEU A 196 -8.11 1.18 -12.09
C LEU A 196 -7.90 0.61 -13.48
N ARG A 197 -7.54 1.45 -14.41
CA ARG A 197 -7.36 1.04 -15.80
C ARG A 197 -6.43 -0.17 -15.99
N THR A 198 -5.45 -0.35 -15.10
CA THR A 198 -4.50 -1.49 -15.18
C THR A 198 -5.19 -2.84 -14.91
N PHE A 199 -6.41 -2.84 -14.35
CA PHE A 199 -7.08 -4.11 -14.04
C PHE A 199 -7.70 -4.83 -15.24
N ASN A 200 -7.87 -4.08 -16.32
CA ASN A 200 -8.45 -4.67 -17.51
C ASN A 200 -7.55 -5.82 -17.96
N HIS A 201 -6.27 -5.50 -18.13
CA HIS A 201 -5.28 -6.50 -18.49
C HIS A 201 -5.23 -7.60 -17.44
N HIS A 202 -5.23 -7.26 -16.16
CA HIS A 202 -5.04 -8.30 -15.13
C HIS A 202 -6.22 -9.23 -15.19
N HIS A 203 -7.37 -8.67 -15.56
CA HIS A 203 -8.60 -9.41 -15.47
C HIS A 203 -8.70 -10.40 -16.59
N ALA A 204 -8.39 -9.98 -17.79
CA ALA A 204 -8.27 -10.83 -18.96
C ALA A 204 -7.30 -11.99 -18.66
N GLU A 205 -6.14 -11.69 -18.10
CA GLU A 205 -5.24 -12.74 -17.69
C GLU A 205 -5.87 -13.68 -16.59
N MET A 206 -6.54 -13.10 -15.58
CA MET A 206 -7.14 -13.93 -14.55
C MET A 206 -8.09 -14.92 -15.20
N LEU A 207 -8.84 -14.49 -16.22
CA LEU A 207 -9.79 -15.35 -16.91
C LEU A 207 -9.13 -16.34 -17.81
N MET A 208 -8.17 -15.91 -18.60
CA MET A 208 -7.51 -16.85 -19.49
C MET A 208 -6.83 -17.99 -18.71
N SER A 209 -6.42 -17.65 -17.50
CA SER A 209 -5.74 -18.61 -16.72
C SER A 209 -6.65 -19.50 -15.94
N TRP A 210 -7.73 -18.95 -15.42
CA TRP A 210 -8.79 -19.81 -14.89
C TRP A 210 -9.29 -20.84 -15.91
N ARG A 211 -9.45 -20.41 -17.15
CA ARG A 211 -9.98 -21.24 -18.18
C ARG A 211 -9.05 -22.38 -18.53
N VAL A 212 -7.75 -22.09 -18.63
CA VAL A 212 -6.80 -23.15 -18.96
C VAL A 212 -6.78 -24.22 -17.85
N ASN A 213 -7.09 -23.83 -16.61
CA ASN A 213 -7.12 -24.76 -15.44
C ASN A 213 -8.49 -25.37 -15.14
N ASP A 214 -9.33 -25.35 -16.18
CA ASP A 214 -10.58 -26.08 -16.24
C ASP A 214 -11.78 -25.45 -15.52
N HIS A 215 -11.65 -24.22 -15.02
CA HIS A 215 -12.82 -23.51 -14.46
C HIS A 215 -13.82 -23.14 -15.56
N LYS A 216 -15.10 -23.23 -15.20
CA LYS A 216 -16.17 -22.87 -16.10
C LYS A 216 -16.84 -21.62 -15.51
N PHE A 217 -17.29 -20.69 -16.36
CA PHE A 217 -17.89 -19.46 -15.85
C PHE A 217 -19.44 -19.59 -15.88
N THR A 218 -20.15 -18.55 -16.33
CA THR A 218 -21.58 -18.59 -16.55
C THR A 218 -21.81 -17.88 -17.90
N PRO A 219 -22.92 -18.20 -18.56
CA PRO A 219 -23.21 -17.35 -19.71
C PRO A 219 -23.59 -16.07 -19.06
N LEU A 220 -23.22 -14.95 -19.59
CA LEU A 220 -23.43 -13.68 -18.86
C LEU A 220 -22.07 -13.18 -18.46
N LEU A 221 -21.38 -13.93 -17.62
CA LEU A 221 -20.00 -13.56 -17.44
C LEU A 221 -19.26 -13.70 -18.75
N CYS A 222 -19.58 -14.74 -19.54
CA CYS A 222 -18.96 -14.91 -20.88
C CYS A 222 -19.37 -13.78 -21.85
N GLU A 223 -20.62 -13.32 -21.81
CA GLU A 223 -21.01 -12.24 -22.73
C GLU A 223 -20.21 -10.95 -22.37
N ILE A 224 -20.39 -10.44 -21.18
CA ILE A 224 -19.75 -9.22 -20.80
C ILE A 224 -18.29 -9.12 -21.12
N TRP A 225 -17.59 -10.20 -21.00
CA TRP A 225 -16.18 -10.15 -21.32
C TRP A 225 -15.78 -10.96 -22.50
N ASP A 226 -16.69 -11.21 -23.45
CA ASP A 226 -16.38 -11.86 -24.76
C ASP A 226 -15.55 -13.16 -24.67
N VAL A 227 -15.83 -14.04 -23.74
CA VAL A 227 -15.09 -15.30 -23.78
C VAL A 227 -15.91 -16.18 -24.64
N GLN A 228 -15.31 -16.66 -25.72
CA GLN A 228 -16.05 -17.35 -26.78
C GLN A 228 -15.44 -18.70 -27.19
N LEU B 1 14.99 16.95 -12.00
CA LEU B 1 15.85 16.97 -10.73
C LEU B 1 17.13 17.86 -10.71
N THR B 2 17.24 18.78 -9.77
CA THR B 2 18.40 19.66 -9.69
C THR B 2 19.75 18.94 -9.63
N PRO B 3 20.84 19.62 -10.06
CA PRO B 3 22.22 19.20 -9.88
C PRO B 3 22.77 19.15 -8.46
N ASP B 4 22.49 20.12 -7.60
CA ASP B 4 22.80 19.94 -6.16
C ASP B 4 22.03 18.74 -5.59
N GLN B 5 20.78 18.63 -5.95
CA GLN B 5 19.97 17.52 -5.56
C GLN B 5 20.49 16.15 -6.07
N GLN B 6 21.01 16.11 -7.28
CA GLN B 6 21.44 14.86 -7.86
C GLN B 6 22.79 14.50 -7.28
N THR B 7 23.59 15.50 -6.94
CA THR B 7 24.86 15.26 -6.23
C THR B 7 24.63 14.62 -4.83
N LEU B 8 23.68 15.18 -4.08
CA LEU B 8 23.38 14.76 -2.71
C LEU B 8 22.82 13.36 -2.73
N LEU B 9 21.93 13.10 -3.68
CA LEU B 9 21.36 11.79 -3.81
C LEU B 9 22.41 10.72 -4.12
N HIS B 10 23.41 11.03 -4.93
CA HIS B 10 24.37 9.98 -5.28
C HIS B 10 25.24 9.75 -4.08
N PHE B 11 25.59 10.82 -3.39
CA PHE B 11 26.32 10.70 -2.12
C PHE B 11 25.63 9.75 -1.14
N ILE B 12 24.29 9.84 -1.09
CA ILE B 12 23.49 9.12 -0.12
C ILE B 12 23.50 7.68 -0.54
N MET B 13 23.31 7.44 -1.83
CA MET B 13 23.39 6.08 -2.41
C MET B 13 24.75 5.39 -2.25
N ASP B 14 25.80 6.10 -2.59
CA ASP B 14 27.14 5.59 -2.41
C ASP B 14 27.37 5.28 -0.92
N SER B 15 26.50 5.77 -0.03
CA SER B 15 26.49 5.36 1.39
C SER B 15 25.45 4.30 1.74
N TYR B 16 24.22 4.42 1.31
CA TYR B 16 23.25 3.38 1.65
C TYR B 16 23.66 2.03 1.09
N ASN B 17 24.31 2.05 -0.06
CA ASN B 17 24.69 0.83 -0.76
C ASN B 17 26.01 0.21 -0.39
N LYS B 18 26.75 0.80 0.56
CA LYS B 18 27.98 0.18 1.06
C LYS B 18 27.72 -0.94 2.05
N GLN B 19 26.66 -0.84 2.85
CA GLN B 19 26.40 -1.87 3.86
C GLN B 19 25.54 -3.02 3.32
N ARG B 20 25.88 -4.25 3.74
CA ARG B 20 25.02 -5.43 3.54
C ARG B 20 25.01 -6.41 4.76
N MET B 21 24.39 -7.58 4.57
CA MET B 21 24.24 -8.58 5.65
C MET B 21 25.29 -9.69 5.57
N PRO B 22 26.24 -9.74 6.54
CA PRO B 22 27.34 -10.69 6.37
C PRO B 22 26.83 -12.08 6.08
N GLN B 23 27.56 -12.78 5.24
CA GLN B 23 27.22 -14.14 4.85
C GLN B 23 27.17 -15.02 6.11
N GLU B 24 28.03 -14.76 7.07
CA GLU B 24 28.07 -15.56 8.28
C GLU B 24 26.70 -15.56 8.97
N ILE B 25 26.01 -14.41 8.99
CA ILE B 25 24.66 -14.36 9.58
C ILE B 25 23.70 -15.22 8.76
N THR B 26 23.68 -15.02 7.45
CA THR B 26 22.79 -15.83 6.58
C THR B 26 23.00 -17.37 6.78
N ASN B 27 24.24 -17.81 6.85
CA ASN B 27 24.49 -19.25 7.03
C ASN B 27 23.85 -19.79 8.30
N LYS B 28 24.14 -19.12 9.42
CA LYS B 28 23.46 -19.46 10.68
C LYS B 28 21.96 -19.61 10.47
N ILE B 29 21.29 -18.59 9.91
CA ILE B 29 19.83 -18.62 9.73
C ILE B 29 19.41 -19.92 9.08
N LEU B 30 20.11 -20.35 8.04
CA LEU B 30 19.75 -21.62 7.38
C LEU B 30 20.29 -22.87 8.06
N LYS B 31 21.42 -22.77 8.74
CA LYS B 31 22.16 -23.97 9.09
C LYS B 31 22.18 -24.29 10.57
N GLU B 32 21.87 -23.32 11.43
CA GLU B 32 21.98 -23.55 12.86
C GLU B 32 20.74 -24.20 13.40
N GLU B 33 20.85 -24.66 14.62
CA GLU B 33 19.75 -25.25 15.38
C GLU B 33 18.59 -24.28 15.58
N PHE B 34 17.36 -24.79 15.64
CA PHE B 34 16.22 -23.96 15.98
C PHE B 34 15.85 -23.99 17.46
N SER B 35 16.81 -24.14 18.38
CA SER B 35 16.42 -23.89 19.77
C SER B 35 16.13 -22.43 19.96
N ALA B 36 15.45 -22.12 21.06
CA ALA B 36 15.18 -20.72 21.46
C ALA B 36 16.46 -19.92 21.71
N GLU B 37 17.45 -20.55 22.32
CA GLU B 37 18.75 -19.92 22.56
C GLU B 37 19.48 -19.60 21.25
N GLU B 38 19.49 -20.52 20.33
CA GLU B 38 20.10 -20.22 19.03
C GLU B 38 19.37 -19.13 18.26
N ASN B 39 18.04 -19.14 18.27
CA ASN B 39 17.32 -18.07 17.61
C ASN B 39 17.69 -16.71 18.24
N PHE B 40 17.69 -16.64 19.55
CA PHE B 40 18.01 -15.39 20.18
C PHE B 40 19.40 -14.87 19.83
N LEU B 41 20.42 -15.70 20.00
CA LEU B 41 21.76 -15.33 19.62
C LEU B 41 21.90 -14.87 18.16
N ILE B 42 21.15 -15.47 17.27
CA ILE B 42 21.15 -14.99 15.92
C ILE B 42 20.52 -13.60 15.76
N LEU B 43 19.32 -13.38 16.30
CA LEU B 43 18.76 -12.03 16.31
C LEU B 43 19.69 -11.01 16.93
N THR B 44 20.47 -11.42 17.94
CA THR B 44 21.44 -10.55 18.55
C THR B 44 22.48 -10.19 17.53
N GLU B 45 23.01 -11.18 16.81
CA GLU B 45 24.02 -10.87 15.81
C GLU B 45 23.47 -9.92 14.76
N MET B 46 22.19 -10.10 14.39
CA MET B 46 21.51 -9.27 13.42
C MET B 46 21.35 -7.82 13.90
N ALA B 47 20.89 -7.63 15.13
CA ALA B 47 20.76 -6.27 15.66
C ALA B 47 22.14 -5.58 15.67
N THR B 48 23.14 -6.33 16.08
CA THR B 48 24.45 -5.79 16.20
C THR B 48 24.90 -5.31 14.83
N ASN B 49 24.72 -6.15 13.83
CA ASN B 49 25.02 -5.73 12.50
C ASN B 49 24.22 -4.49 12.09
N HIS B 50 22.94 -4.49 12.39
CA HIS B 50 22.11 -3.35 12.02
C HIS B 50 22.70 -2.08 12.66
N VAL B 51 23.13 -2.15 13.91
CA VAL B 51 23.67 -0.94 14.55
C VAL B 51 25.03 -0.52 13.97
N GLN B 52 25.94 -1.46 13.70
CA GLN B 52 27.23 -1.13 13.09
C GLN B 52 26.94 -0.34 11.82
N VAL B 53 25.95 -0.78 11.08
CA VAL B 53 25.69 -0.30 9.76
C VAL B 53 25.04 1.09 9.79
N LEU B 54 24.07 1.26 10.67
CA LEU B 54 23.53 2.55 11.02
C LEU B 54 24.58 3.61 11.36
N VAL B 55 25.54 3.24 12.17
CA VAL B 55 26.61 4.16 12.56
C VAL B 55 27.47 4.57 11.40
N GLU B 56 27.79 3.62 10.54
CA GLU B 56 28.60 3.88 9.37
C GLU B 56 27.90 4.81 8.37
N PHE B 57 26.62 4.59 8.13
CA PHE B 57 25.79 5.45 7.25
C PHE B 57 25.58 6.81 7.86
N THR B 58 25.26 6.82 9.14
CA THR B 58 25.11 8.08 9.84
C THR B 58 26.37 8.97 9.79
N LYS B 59 27.53 8.41 10.06
CA LYS B 59 28.68 9.30 10.09
C LYS B 59 28.92 9.88 8.73
N LYS B 60 28.54 9.19 7.66
CA LYS B 60 28.82 9.70 6.32
C LYS B 60 27.82 10.77 5.92
N LEU B 61 26.71 10.93 6.62
CA LEU B 61 25.66 11.84 6.12
C LEU B 61 26.10 13.27 5.94
N PRO B 62 25.80 13.87 4.78
CA PRO B 62 26.37 15.23 4.60
C PRO B 62 26.05 16.15 5.77
N GLY B 63 27.08 16.72 6.39
CA GLY B 63 26.91 17.76 7.40
C GLY B 63 27.02 17.21 8.80
N PHE B 64 26.98 15.91 8.93
CA PHE B 64 26.88 15.31 10.24
C PHE B 64 28.13 15.59 11.06
N GLN B 65 29.31 15.56 10.45
CA GLN B 65 30.60 15.84 11.17
C GLN B 65 30.57 17.27 11.71
N THR B 66 29.86 18.10 11.00
CA THR B 66 29.63 19.47 11.35
C THR B 66 28.80 19.65 12.62
N LEU B 67 28.12 18.64 13.12
CA LEU B 67 27.27 18.87 14.28
C LEU B 67 28.00 18.72 15.62
N ASP B 68 27.47 19.40 16.60
CA ASP B 68 27.90 19.27 17.96
C ASP B 68 27.89 17.82 18.42
N HIS B 69 28.91 17.47 19.20
CA HIS B 69 29.27 16.08 19.47
C HIS B 69 28.26 15.34 20.29
N GLU B 70 27.68 16.01 21.26
CA GLU B 70 26.54 15.47 21.96
C GLU B 70 25.24 15.34 21.10
N ASP B 71 24.94 16.28 20.23
CA ASP B 71 23.81 16.11 19.34
C ASP B 71 24.01 14.93 18.40
N GLN B 72 25.24 14.67 17.94
CA GLN B 72 25.51 13.41 17.17
C GLN B 72 25.16 12.14 17.92
N ILE B 73 25.65 11.99 19.13
CA ILE B 73 25.27 10.86 19.97
C ILE B 73 23.75 10.82 20.18
N ALA B 74 23.16 11.98 20.43
CA ALA B 74 21.72 12.04 20.69
C ALA B 74 20.90 11.62 19.45
N LEU B 75 21.34 11.99 18.25
CA LEU B 75 20.63 11.53 17.02
C LEU B 75 20.81 10.04 16.79
N LEU B 76 22.01 9.56 17.06
CA LEU B 76 22.30 8.16 16.96
C LEU B 76 21.44 7.38 17.92
N LYS B 77 21.46 7.73 19.21
CA LYS B 77 20.61 6.93 20.14
C LYS B 77 19.11 7.05 19.86
N GLY B 78 18.68 8.26 19.48
CA GLY B 78 17.26 8.58 19.24
C GLY B 78 16.66 7.79 18.08
N SER B 79 17.48 7.54 17.06
CA SER B 79 16.98 7.00 15.85
C SER B 79 17.27 5.51 15.67
N ALA B 80 18.00 4.89 16.56
CA ALA B 80 18.47 3.56 16.30
C ALA B 80 17.35 2.56 16.05
N VAL B 81 16.33 2.55 16.92
CA VAL B 81 15.18 1.66 16.75
C VAL B 81 14.50 1.88 15.39
N GLU B 82 14.09 3.10 15.14
CA GLU B 82 13.37 3.38 13.91
C GLU B 82 14.19 3.03 12.69
N ALA B 83 15.48 3.32 12.69
CA ALA B 83 16.30 3.03 11.51
C ALA B 83 16.51 1.53 11.37
N MET B 84 16.57 0.85 12.51
CA MET B 84 16.73 -0.59 12.47
C MET B 84 15.50 -1.19 11.84
N PHE B 85 14.33 -0.84 12.33
CA PHE B 85 13.16 -1.49 11.79
C PHE B 85 12.95 -1.14 10.34
N LEU B 86 13.22 0.09 9.97
CA LEU B 86 13.14 0.44 8.53
C LEU B 86 14.09 -0.38 7.63
N ARG B 87 15.38 -0.52 8.01
CA ARG B 87 16.34 -1.38 7.26
C ARG B 87 15.76 -2.80 7.18
N SER B 88 15.20 -3.22 8.29
CA SER B 88 14.54 -4.50 8.44
C SER B 88 13.39 -4.73 7.45
N ALA B 89 12.51 -3.75 7.28
CA ALA B 89 11.44 -3.82 6.30
C ALA B 89 11.99 -3.91 4.93
N GLU B 90 13.09 -3.22 4.67
CA GLU B 90 13.71 -3.34 3.35
C GLU B 90 14.12 -4.77 3.07
N ILE B 91 14.61 -5.47 4.10
CA ILE B 91 15.08 -6.85 3.94
C ILE B 91 13.89 -7.79 3.65
N PHE B 92 12.89 -7.77 4.51
CA PHE B 92 11.79 -8.73 4.34
C PHE B 92 11.14 -8.69 3.01
N ASN B 93 10.91 -7.49 2.48
CA ASN B 93 10.25 -7.38 1.18
C ASN B 93 11.18 -7.83 0.06
N LYS B 94 12.38 -7.27 -0.02
CA LYS B 94 13.12 -7.39 -1.28
C LYS B 94 14.65 -7.50 -1.17
N LYS B 95 15.11 -8.53 -0.51
CA LYS B 95 16.51 -8.88 -0.35
C LYS B 95 16.47 -10.27 0.30
N LEU B 96 15.67 -11.17 -0.26
CA LEU B 96 15.52 -12.52 0.30
C LEU B 96 14.98 -13.50 -0.74
N PRO B 97 15.73 -14.57 -1.03
CA PRO B 97 15.26 -15.63 -1.94
C PRO B 97 14.16 -16.51 -1.32
N SER B 98 13.87 -17.65 -1.95
CA SER B 98 12.86 -18.55 -1.40
C SER B 98 13.34 -19.20 -0.10
N GLY B 99 12.43 -19.41 0.83
CA GLY B 99 12.76 -19.90 2.16
C GLY B 99 13.07 -18.70 3.01
N HIS B 100 14.30 -18.63 3.51
CA HIS B 100 14.91 -17.39 4.06
C HIS B 100 14.01 -16.48 4.89
N SER B 101 13.22 -15.63 4.24
CA SER B 101 12.11 -14.97 4.92
C SER B 101 11.46 -15.92 5.90
N ASP B 102 11.01 -17.07 5.40
CA ASP B 102 10.23 -18.02 6.21
C ASP B 102 11.05 -18.57 7.37
N LEU B 103 12.32 -18.84 7.11
CA LEU B 103 13.24 -19.34 8.12
C LEU B 103 13.53 -18.28 9.19
N LEU B 104 13.80 -17.08 8.72
CA LEU B 104 14.03 -15.99 9.60
C LEU B 104 12.79 -15.80 10.51
N GLU B 105 11.63 -16.06 9.95
CA GLU B 105 10.40 -15.81 10.65
C GLU B 105 10.20 -16.82 11.76
N GLU B 106 10.50 -18.08 11.50
CA GLU B 106 10.47 -19.08 12.55
C GLU B 106 11.35 -18.58 13.66
N ARG B 107 12.50 -18.10 13.30
CA ARG B 107 13.44 -17.76 14.30
C ARG B 107 12.92 -16.62 15.09
N ILE B 108 12.40 -15.62 14.40
CA ILE B 108 11.91 -14.44 15.07
C ILE B 108 10.81 -14.85 15.99
N ARG B 109 9.94 -15.74 15.54
CA ARG B 109 8.76 -16.15 16.33
C ARG B 109 9.05 -17.12 17.44
N ASN B 110 10.29 -17.44 17.68
CA ASN B 110 10.64 -18.45 18.66
C ASN B 110 11.89 -18.05 19.35
N SER B 111 11.89 -16.83 19.84
CA SER B 111 13.07 -16.31 20.47
C SER B 111 12.78 -15.42 21.67
N GLY B 112 11.63 -15.62 22.29
CA GLY B 112 11.32 -14.91 23.51
C GLY B 112 10.59 -13.59 23.31
N ILE B 113 10.07 -13.33 22.11
CA ILE B 113 9.27 -12.12 21.82
C ILE B 113 7.80 -12.52 21.79
N SER B 114 6.97 -11.73 22.42
CA SER B 114 5.54 -11.99 22.37
C SER B 114 5.01 -11.58 21.01
N ASP B 115 4.01 -12.27 20.52
CA ASP B 115 3.37 -11.86 19.25
C ASP B 115 2.50 -10.61 19.39
N GLU B 116 2.47 -10.02 20.58
CA GLU B 116 2.01 -8.64 20.78
C GLU B 116 2.93 -7.63 20.06
N TYR B 117 4.20 -8.00 19.87
CA TYR B 117 5.16 -7.19 19.12
C TYR B 117 5.48 -7.77 17.72
N ILE B 118 5.55 -9.09 17.58
CA ILE B 118 5.72 -9.70 16.26
C ILE B 118 4.66 -9.27 15.26
N THR B 119 3.43 -9.37 15.67
CA THR B 119 2.34 -9.17 14.78
C THR B 119 2.51 -7.81 14.11
N PRO B 120 2.57 -6.73 14.91
CA PRO B 120 2.79 -5.43 14.23
C PRO B 120 4.12 -5.25 13.38
N MET B 121 5.23 -5.95 13.72
CA MET B 121 6.42 -5.99 12.84
C MET B 121 6.08 -6.40 11.43
N PHE B 122 5.30 -7.48 11.30
CA PHE B 122 4.91 -7.99 9.98
C PHE B 122 3.83 -7.21 9.29
N SER B 123 2.94 -6.63 10.08
CA SER B 123 2.02 -5.67 9.50
C SER B 123 2.76 -4.44 8.89
N PHE B 124 3.74 -3.93 9.60
CA PHE B 124 4.56 -2.87 9.09
C PHE B 124 5.31 -3.31 7.84
N TYR B 125 5.90 -4.49 7.84
CA TYR B 125 6.58 -4.93 6.62
C TYR B 125 5.66 -4.95 5.38
N LYS B 126 4.40 -5.37 5.57
CA LYS B 126 3.38 -5.28 4.54
C LYS B 126 3.06 -3.83 4.20
N SER B 127 2.84 -3.01 5.22
CA SER B 127 2.53 -1.61 4.95
C SER B 127 3.64 -0.99 4.08
N ILE B 128 4.89 -1.36 4.32
CA ILE B 128 6.02 -0.90 3.50
C ILE B 128 6.09 -1.54 2.10
N GLY B 129 5.84 -2.83 2.03
CA GLY B 129 5.87 -3.52 0.74
C GLY B 129 4.85 -2.94 -0.21
N GLU B 130 3.70 -2.50 0.30
CA GLU B 130 2.60 -1.99 -0.55
C GLU B 130 2.86 -0.67 -1.26
N LEU B 131 3.91 0.08 -0.89
CA LEU B 131 4.29 1.29 -1.66
C LEU B 131 5.36 0.99 -2.70
N LYS B 132 5.81 -0.28 -2.76
CA LYS B 132 6.90 -0.74 -3.64
C LYS B 132 8.00 0.32 -3.72
N MET B 133 8.59 0.61 -2.58
CA MET B 133 9.58 1.69 -2.50
C MET B 133 10.84 1.33 -3.22
N THR B 134 11.49 2.36 -3.78
CA THR B 134 12.79 2.24 -4.44
C THR B 134 13.89 2.27 -3.41
N GLN B 135 15.10 1.98 -3.88
CA GLN B 135 16.31 2.07 -3.07
C GLN B 135 16.48 3.47 -2.53
N GLU B 136 16.33 4.43 -3.44
CA GLU B 136 16.40 5.85 -3.15
C GLU B 136 15.49 6.22 -1.98
N GLU B 137 14.25 5.78 -2.07
CA GLU B 137 13.26 6.15 -1.10
C GLU B 137 13.62 5.58 0.27
N TYR B 138 14.17 4.39 0.28
CA TYR B 138 14.55 3.75 1.52
C TYR B 138 15.68 4.56 2.16
N ALA B 139 16.66 4.92 1.33
CA ALA B 139 17.89 5.55 1.78
C ALA B 139 17.65 6.95 2.30
N LEU B 140 16.82 7.69 1.58
CA LEU B 140 16.48 9.04 1.95
C LEU B 140 15.62 8.97 3.15
N LEU B 141 14.63 8.10 3.19
CA LEU B 141 13.85 7.95 4.44
C LEU B 141 14.69 7.56 5.61
N THR B 142 15.65 6.67 5.36
CA THR B 142 16.50 6.22 6.47
C THR B 142 17.19 7.45 7.03
N ALA B 143 17.82 8.21 6.15
CA ALA B 143 18.51 9.46 6.43
C ALA B 143 17.58 10.50 7.11
N ILE B 144 16.36 10.66 6.60
CA ILE B 144 15.38 11.57 7.17
C ILE B 144 15.09 11.18 8.63
N VAL B 145 15.10 9.88 8.89
CA VAL B 145 14.73 9.39 10.20
C VAL B 145 15.88 9.65 11.12
N ILE B 146 17.13 9.49 10.64
CA ILE B 146 18.32 9.70 11.47
C ILE B 146 18.42 11.16 11.86
N LEU B 147 18.16 12.05 10.90
CA LEU B 147 18.37 13.50 11.12
C LEU B 147 17.09 14.18 11.60
N SER B 148 16.34 13.50 12.43
CA SER B 148 15.11 14.07 12.91
C SER B 148 15.46 15.07 13.99
N PRO B 149 15.07 16.31 13.83
CA PRO B 149 15.37 17.28 14.90
C PRO B 149 14.63 17.10 16.23
N ASP B 150 13.70 16.14 16.33
CA ASP B 150 12.81 15.91 17.53
C ASP B 150 13.28 15.00 18.64
N ARG B 151 14.45 14.44 18.53
CA ARG B 151 14.83 13.44 19.52
C ARG B 151 15.09 14.14 20.82
N GLN B 152 14.75 13.51 21.92
CA GLN B 152 15.15 13.97 23.21
C GLN B 152 16.66 14.31 23.18
N TYR B 153 16.99 15.42 23.83
CA TYR B 153 18.34 15.81 24.21
C TYR B 153 19.09 16.62 23.23
N ILE B 154 18.53 16.87 22.07
CA ILE B 154 19.22 17.73 21.11
C ILE B 154 19.34 19.16 21.66
N LYS B 155 20.55 19.69 21.88
CA LYS B 155 20.70 21.15 22.13
C LYS B 155 20.32 22.05 20.97
N ASP B 156 20.73 21.71 19.73
CA ASP B 156 20.56 22.63 18.59
C ASP B 156 19.65 22.05 17.53
N ARG B 157 18.39 22.06 17.83
CA ARG B 157 17.42 21.37 17.01
C ARG B 157 17.45 21.98 15.58
N GLU B 158 17.82 23.23 15.46
CA GLU B 158 17.75 23.91 14.16
C GLU B 158 18.92 23.51 13.22
N ALA B 159 20.09 23.25 13.76
CA ALA B 159 21.16 22.74 12.90
C ALA B 159 20.75 21.38 12.26
N VAL B 160 20.01 20.54 12.97
CA VAL B 160 19.64 19.25 12.47
C VAL B 160 18.58 19.46 11.40
N GLU B 161 17.64 20.35 11.66
CA GLU B 161 16.63 20.76 10.67
C GLU B 161 17.15 21.19 9.27
N LYS B 162 18.23 22.00 9.28
CA LYS B 162 19.01 22.42 8.08
C LYS B 162 19.57 21.22 7.37
N LEU B 163 19.89 20.18 8.11
CA LEU B 163 20.45 19.02 7.45
C LEU B 163 19.29 18.19 6.92
N GLN B 164 18.17 18.20 7.63
CA GLN B 164 17.11 17.28 7.26
C GLN B 164 16.33 17.72 6.01
N GLU B 165 16.15 19.02 5.82
CA GLU B 165 15.23 19.47 4.78
C GLU B 165 15.69 19.23 3.35
N PRO B 166 17.00 19.36 3.05
CA PRO B 166 17.37 19.05 1.65
C PRO B 166 16.95 17.66 1.26
N LEU B 167 17.06 16.74 2.20
CA LEU B 167 16.70 15.36 1.96
C LEU B 167 15.20 15.21 1.74
N LEU B 168 14.39 15.96 2.48
CA LEU B 168 12.95 15.97 2.30
C LEU B 168 12.63 16.54 0.96
N ASP B 169 13.26 17.64 0.57
CA ASP B 169 13.07 18.20 -0.79
C ASP B 169 13.34 17.20 -1.90
N VAL B 170 14.41 16.43 -1.75
CA VAL B 170 14.75 15.47 -2.75
C VAL B 170 13.72 14.34 -2.76
N LEU B 171 13.39 13.81 -1.60
CA LEU B 171 12.33 12.84 -1.57
C LEU B 171 11.02 13.39 -2.17
N GLN B 172 10.64 14.65 -1.93
CA GLN B 172 9.43 15.18 -2.61
C GLN B 172 9.60 15.19 -4.13
N LYS B 173 10.76 15.58 -4.65
CA LYS B 173 10.90 15.67 -6.11
C LYS B 173 10.74 14.26 -6.68
N LEU B 174 11.28 13.25 -6.01
CA LEU B 174 11.25 11.88 -6.55
C LEU B 174 9.85 11.31 -6.55
N CYS B 175 9.03 11.84 -5.67
CA CYS B 175 7.66 11.41 -5.61
C CYS B 175 6.87 11.98 -6.78
N LYS B 176 7.13 13.22 -7.13
CA LYS B 176 6.51 13.89 -8.27
C LYS B 176 7.08 13.38 -9.57
N ILE B 177 8.38 13.17 -9.62
CA ILE B 177 8.97 12.59 -10.82
C ILE B 177 8.26 11.26 -11.06
N HIS B 178 8.23 10.38 -10.08
CA HIS B 178 7.82 8.96 -10.32
C HIS B 178 6.35 8.57 -10.02
N GLN B 179 5.58 9.45 -9.40
CA GLN B 179 4.16 9.23 -9.16
C GLN B 179 3.44 10.51 -9.49
N PRO B 180 3.53 10.93 -10.77
CA PRO B 180 2.92 12.22 -11.09
C PRO B 180 1.44 12.17 -10.92
N GLU B 181 0.84 11.02 -11.21
CA GLU B 181 -0.63 10.89 -11.22
C GLU B 181 -1.17 11.01 -9.76
N ASN B 182 -0.29 10.80 -8.77
CA ASN B 182 -0.66 10.58 -7.37
C ASN B 182 0.05 11.55 -6.45
N PRO B 183 -0.54 12.71 -6.25
CA PRO B 183 0.22 13.72 -5.52
C PRO B 183 0.27 13.44 -4.06
N GLN B 184 -0.57 12.55 -3.54
CA GLN B 184 -0.47 12.14 -2.14
C GLN B 184 0.65 11.14 -1.81
N HIS B 185 1.44 10.68 -2.77
CA HIS B 185 2.37 9.58 -2.50
C HIS B 185 3.41 9.96 -1.44
N PHE B 186 3.99 11.15 -1.57
CA PHE B 186 4.93 11.61 -0.56
C PHE B 186 4.32 11.55 0.86
N ALA B 187 3.11 12.09 1.04
CA ALA B 187 2.43 12.07 2.32
C ALA B 187 2.23 10.64 2.87
N CYS B 188 1.99 9.71 1.96
CA CYS B 188 1.82 8.32 2.32
C CYS B 188 3.14 7.82 2.84
N LEU B 189 4.24 8.25 2.22
CA LEU B 189 5.54 7.91 2.75
C LEU B 189 5.66 8.43 4.16
N LEU B 190 5.28 9.67 4.40
CA LEU B 190 5.48 10.22 5.74
C LEU B 190 4.57 9.52 6.72
N GLY B 191 3.48 9.00 6.18
CA GLY B 191 2.53 8.22 6.93
C GLY B 191 3.13 6.94 7.46
N ARG B 192 4.03 6.30 6.72
CA ARG B 192 4.65 5.11 7.25
C ARG B 192 5.66 5.40 8.37
N LEU B 193 6.23 6.61 8.38
CA LEU B 193 7.14 7.02 9.44
C LEU B 193 6.43 7.15 10.72
N THR B 194 5.14 7.43 10.66
CA THR B 194 4.39 7.58 11.87
C THR B 194 4.19 6.25 12.53
N GLU B 195 3.80 5.28 11.73
CA GLU B 195 3.63 3.88 12.17
C GLU B 195 4.97 3.27 12.63
N LEU B 196 6.06 3.80 12.10
CA LEU B 196 7.40 3.43 12.51
C LEU B 196 7.80 3.92 13.89
N ARG B 197 7.39 5.11 14.22
CA ARG B 197 7.60 5.67 15.56
C ARG B 197 6.98 4.78 16.63
N THR B 198 6.03 3.99 16.21
CA THR B 198 5.38 3.06 17.10
C THR B 198 6.34 2.09 17.76
N PHE B 199 7.39 1.71 17.01
CA PHE B 199 8.31 0.70 17.49
C PHE B 199 9.24 1.13 18.61
N ASN B 200 9.37 2.42 18.88
CA ASN B 200 10.19 2.85 20.03
C ASN B 200 9.66 2.21 21.33
N HIS B 201 8.36 2.30 21.53
CA HIS B 201 7.73 1.72 22.70
C HIS B 201 7.77 0.18 22.68
N HIS B 202 7.39 -0.42 21.58
CA HIS B 202 7.42 -1.88 21.44
C HIS B 202 8.79 -2.45 21.65
N HIS B 203 9.79 -1.78 21.09
CA HIS B 203 11.16 -2.21 21.29
C HIS B 203 11.60 -2.10 22.73
N ALA B 204 11.29 -1.00 23.39
CA ALA B 204 11.59 -0.87 24.81
C ALA B 204 10.93 -1.97 25.66
N GLU B 205 9.75 -2.46 25.26
CA GLU B 205 9.11 -3.56 25.99
C GLU B 205 9.72 -4.89 25.65
N MET B 206 10.09 -5.12 24.40
CA MET B 206 10.81 -6.34 24.04
C MET B 206 12.08 -6.49 24.87
N LEU B 207 12.86 -5.41 25.01
CA LEU B 207 14.08 -5.47 25.82
C LEU B 207 13.81 -5.76 27.31
N MET B 208 12.86 -5.04 27.89
CA MET B 208 12.43 -5.27 29.25
C MET B 208 12.12 -6.73 29.46
N SER B 209 11.28 -7.27 28.63
CA SER B 209 10.90 -8.64 28.78
C SER B 209 12.07 -9.61 28.68
N TRP B 210 12.89 -9.51 27.63
CA TRP B 210 14.13 -10.28 27.55
C TRP B 210 15.07 -10.10 28.78
N ARG B 211 15.15 -8.90 29.35
CA ARG B 211 16.02 -8.69 30.53
C ARG B 211 15.48 -9.47 31.72
N VAL B 212 14.16 -9.69 31.76
CA VAL B 212 13.52 -10.32 32.90
C VAL B 212 14.01 -11.77 33.04
N ASN B 213 14.28 -12.37 31.88
CA ASN B 213 14.86 -13.69 31.82
C ASN B 213 16.34 -13.61 31.56
N ASP B 214 16.97 -12.68 32.26
CA ASP B 214 18.42 -12.68 32.44
C ASP B 214 19.24 -12.71 31.13
N HIS B 215 18.61 -12.37 30.00
CA HIS B 215 19.24 -12.41 28.69
C HIS B 215 20.34 -11.40 28.52
N LYS B 216 21.38 -11.85 27.81
CA LYS B 216 22.58 -11.08 27.58
C LYS B 216 22.53 -10.40 26.20
N PHE B 217 22.91 -9.12 26.20
CA PHE B 217 23.03 -8.38 24.98
C PHE B 217 24.50 -8.19 24.72
N THR B 218 24.90 -7.09 24.06
CA THR B 218 26.32 -6.82 23.77
C THR B 218 26.70 -5.42 24.16
N PRO B 219 28.00 -5.16 24.31
CA PRO B 219 28.39 -3.81 24.74
C PRO B 219 27.82 -2.69 23.85
N LEU B 220 27.80 -2.89 22.54
CA LEU B 220 27.27 -1.85 21.62
C LEU B 220 25.75 -1.62 21.68
N LEU B 221 24.99 -2.71 21.80
CA LEU B 221 23.55 -2.61 22.00
C LEU B 221 23.20 -2.03 23.36
N CYS B 222 23.98 -2.37 24.39
CA CYS B 222 23.75 -1.74 25.70
C CYS B 222 23.96 -0.20 25.66
N GLU B 223 25.06 0.24 25.07
CA GLU B 223 25.34 1.67 25.01
C GLU B 223 24.31 2.37 24.14
N ILE B 224 24.02 1.82 22.98
CA ILE B 224 23.13 2.58 22.12
C ILE B 224 21.73 2.72 22.70
N TRP B 225 21.27 1.76 23.51
CA TRP B 225 19.91 1.80 24.05
C TRP B 225 19.83 2.10 25.53
N ASP B 226 20.98 2.48 26.14
CA ASP B 226 21.06 2.69 27.58
C ASP B 226 20.57 1.51 28.39
N VAL B 227 21.11 0.33 28.15
CA VAL B 227 20.81 -0.78 29.03
C VAL B 227 21.88 -0.81 30.11
N ASN C 1 -25.44 -10.36 -28.22
CA ASN C 1 -25.40 -10.13 -26.72
C ASN C 1 -26.79 -10.12 -26.08
N ALA C 2 -27.55 -11.20 -26.25
CA ALA C 2 -28.96 -11.18 -25.88
C ALA C 2 -29.19 -10.86 -24.38
N LEU C 3 -28.29 -11.32 -23.50
CA LEU C 3 -28.47 -11.24 -22.03
C LEU C 3 -28.30 -9.86 -21.43
N LEU C 4 -27.22 -9.16 -21.75
CA LEU C 4 -27.10 -7.76 -21.33
C LEU C 4 -28.20 -6.93 -21.94
N ARG C 5 -28.66 -7.32 -23.12
CA ARG C 5 -29.67 -6.52 -23.77
C ARG C 5 -31.00 -6.65 -22.97
N TYR C 6 -31.23 -7.84 -22.46
CA TYR C 6 -32.37 -8.07 -21.63
C TYR C 6 -32.25 -7.32 -20.32
N LEU C 7 -31.10 -7.38 -19.66
CA LEU C 7 -30.93 -6.66 -18.40
C LEU C 7 -30.92 -5.11 -18.56
N LEU C 8 -30.53 -4.58 -19.70
CA LEU C 8 -30.72 -3.13 -19.97
C LEU C 8 -32.16 -2.66 -20.24
N ASP C 9 -33.02 -3.52 -20.81
CA ASP C 9 -34.34 -3.07 -21.26
C ASP C 9 -35.45 -3.60 -20.34
N LYS C 10 -35.25 -4.72 -19.64
CA LYS C 10 -35.79 -4.85 -18.30
C LYS C 10 -35.81 -6.30 -17.76
N ASN D 1 29.63 7.96 26.48
CA ASN D 1 29.46 7.07 25.28
C ASN D 1 30.76 6.95 24.45
N ALA D 2 31.82 6.57 25.14
CA ALA D 2 33.10 6.37 24.54
C ALA D 2 33.04 5.48 23.29
N LEU D 3 32.30 4.38 23.40
CA LEU D 3 32.16 3.45 22.29
C LEU D 3 31.44 4.05 21.08
N LEU D 4 30.33 4.74 21.31
CA LEU D 4 29.67 5.46 20.21
C LEU D 4 30.56 6.54 19.59
N ARG D 5 31.26 7.32 20.41
CA ARG D 5 32.27 8.26 19.89
C ARG D 5 33.34 7.57 19.09
N TYR D 6 33.89 6.54 19.68
CA TYR D 6 34.87 5.82 18.98
C TYR D 6 34.33 5.48 17.60
N LEU D 7 33.09 5.00 17.50
CA LEU D 7 32.61 4.51 16.18
C LEU D 7 32.29 5.66 15.19
N LEU D 8 31.93 6.81 15.70
CA LEU D 8 31.71 7.97 14.86
C LEU D 8 32.99 8.65 14.32
N ASP D 9 33.97 8.84 15.21
CA ASP D 9 35.22 9.45 14.84
C ASP D 9 36.09 8.47 14.04
N LYS D 10 35.76 7.17 13.99
CA LYS D 10 36.43 6.18 13.08
C LYS D 10 36.91 4.93 13.84
O1 T73 E . -13.88 -11.74 -12.53
C8 T73 E . -14.35 -12.37 -11.61
O T73 E . -14.50 -11.49 -10.46
C6 T73 E . -13.96 -11.54 -9.15
C7 T73 E . -14.93 -10.93 -8.09
C2 T73 E . -14.02 -10.09 -7.18
C5 T73 E . -12.78 -10.62 -8.88
C15 T73 E . -11.54 -11.02 -9.60
C4 T73 E . -13.06 -9.12 -9.03
C3 T73 E . -13.76 -8.70 -7.75
C1 T73 E . -12.70 -10.75 -7.41
C16 T73 E . -11.60 -9.94 -6.76
C T73 E . -12.72 -12.16 -6.91
C9 T73 E . -14.90 -13.74 -11.86
C14 T73 E . -15.19 -14.12 -13.17
C13 T73 E . -15.77 -15.36 -13.48
C12 T73 E . -16.03 -16.26 -12.41
O2 T73 E . -16.60 -17.49 -12.66
C11 T73 E . -15.74 -15.87 -11.10
C10 T73 E . -15.20 -14.63 -10.85
O1 T73 F . -16.74 -8.85 -4.56
C8 T73 F . -17.21 -8.91 -3.44
O T73 F . -16.30 -8.85 -2.32
C6 T73 F . -14.94 -9.16 -2.60
C7 T73 F . -14.58 -10.46 -1.88
C2 T73 F . -13.61 -9.92 -0.91
C5 T73 F . -13.93 -8.17 -2.06
C15 T73 F . -13.78 -7.10 -3.07
C4 T73 F . -14.36 -7.62 -0.71
C3 T73 F . -14.42 -8.96 0.02
C1 T73 F . -12.73 -9.02 -1.72
C16 T73 F . -11.71 -8.42 -0.78
C T73 F . -12.03 -9.74 -2.86
C9 T73 F . -18.67 -8.92 -3.16
C14 T73 F . -19.62 -8.46 -4.09
C13 T73 F . -21.00 -8.43 -3.83
C12 T73 F . -21.37 -8.90 -2.60
O2 T73 F . -22.67 -8.93 -2.21
C11 T73 F . -20.45 -9.36 -1.67
C10 T73 F . -19.11 -9.38 -1.94
O1 T73 G . 15.40 -5.69 18.83
C8 T73 G . 16.29 -6.36 18.34
O T73 G . 16.44 -6.35 16.89
C6 T73 G . 15.90 -7.53 16.30
C7 T73 G . 16.69 -7.87 15.02
C2 T73 G . 15.65 -7.80 13.91
C5 T73 G . 14.51 -7.25 15.75
C15 T73 G . 13.39 -7.33 16.79
C4 T73 G . 14.57 -5.93 14.99
C3 T73 G . 15.38 -6.31 13.75
C1 T73 G . 14.39 -8.26 14.64
C16 T73 G . 13.13 -8.04 13.80
C T73 G . 14.52 -9.69 15.14
C9 T73 G . 17.21 -7.16 19.19
C14 T73 G . 17.82 -6.59 20.30
C13 T73 G . 18.67 -7.34 21.09
C12 T73 G . 18.93 -8.66 20.78
O2 T73 G . 19.77 -9.40 21.57
C11 T73 G . 18.33 -9.24 19.67
C10 T73 G . 17.47 -8.49 18.88
#